data_9HHC
#
_entry.id   9HHC
#
_cell.length_a   38.360
_cell.length_b   86.720
_cell.length_c   107.820
_cell.angle_alpha   90.00
_cell.angle_beta   90.00
_cell.angle_gamma   90.00
#
_symmetry.space_group_name_H-M   'I 2 2 2'
#
loop_
_entity.id
_entity.type
_entity.pdbx_description
1 polymer 'Bromodomain protein 1'
2 non-polymer (R,R)-2,3-BUTANEDIOL
3 non-polymer 1-(3-aminophenyl)-3-methyl-5,6,7,8-tetrahydro-2~{H}-cyclohepta[c]pyrrol-4-one
4 water water
#
_entity_poly.entity_id   1
_entity_poly.type   'polypeptide(L)'
_entity_poly.pdbx_seq_one_letter_code
;GPLGSPEFMNKQWYLLANQLILSLSKYEGGHIFEKLVDAKKQNCPDYYDVIKNPMSFSCIKTKLKKGQYAYPSEFVKDVQ
LIFDNCSLYNTSNSVVAITGKNIETYFNNQLIVMGYNNFILKEKKINDMLKLVEEEN
;
_entity_poly.pdbx_strand_id   A
#
# COMPACT_ATOMS: atom_id res chain seq x y z
N SER A 5 25.17 -4.89 -3.29
N SER A 5 24.76 -2.05 -3.17
CA SER A 5 24.42 -3.64 -3.14
CA SER A 5 24.50 -3.47 -3.36
C SER A 5 22.98 -3.72 -3.68
C SER A 5 23.04 -3.72 -3.71
N PRO A 6 22.79 -4.20 -4.93
CA PRO A 6 21.39 -4.33 -5.41
C PRO A 6 20.55 -5.30 -4.59
N GLU A 7 21.14 -6.42 -4.15
CA GLU A 7 20.43 -7.36 -3.30
C GLU A 7 20.29 -6.84 -1.88
N PHE A 8 21.35 -6.21 -1.35
CA PHE A 8 21.26 -5.53 -0.07
C PHE A 8 20.15 -4.49 -0.09
N MET A 9 20.07 -3.71 -1.16
CA MET A 9 19.02 -2.70 -1.25
C MET A 9 17.64 -3.34 -1.26
N ASN A 10 17.48 -4.46 -1.97
CA ASN A 10 16.19 -5.15 -1.96
C ASN A 10 15.80 -5.55 -0.54
N LYS A 11 16.77 -6.07 0.24
CA LYS A 11 16.47 -6.37 1.64
C LYS A 11 16.01 -5.13 2.38
N GLN A 12 16.69 -4.00 2.15
CA GLN A 12 16.34 -2.77 2.87
C GLN A 12 14.89 -2.37 2.65
N TRP A 13 14.48 -2.19 1.39
CA TRP A 13 13.13 -1.68 1.19
C TRP A 13 12.06 -2.72 1.48
N TYR A 14 12.39 -4.01 1.44
CA TYR A 14 11.45 -5.00 1.98
C TYR A 14 11.22 -4.76 3.46
N LEU A 15 12.30 -4.53 4.23
CA LEU A 15 12.16 -4.24 5.66
C LEU A 15 11.34 -2.98 5.89
N LEU A 16 11.56 -1.94 5.08
CA LEU A 16 10.76 -0.73 5.23
C LEU A 16 9.28 -0.99 4.95
N ALA A 17 8.98 -1.73 3.88
CA ALA A 17 7.60 -2.06 3.54
C ALA A 17 6.93 -2.87 4.65
N ASN A 18 7.62 -3.84 5.22
CA ASN A 18 7.04 -4.61 6.33
C ASN A 18 6.76 -3.71 7.53
N GLN A 19 7.70 -2.80 7.83
N GLN A 19 7.70 -2.79 7.84
CA GLN A 19 7.48 -1.86 8.93
CA GLN A 19 7.46 -1.87 8.94
C GLN A 19 6.32 -0.93 8.64
C GLN A 19 6.30 -0.95 8.64
N LEU A 20 6.18 -0.50 7.39
CA LEU A 20 5.14 0.45 7.02
C LEU A 20 3.76 -0.19 7.00
N ILE A 21 3.64 -1.40 6.44
CA ILE A 21 2.33 -2.06 6.43
C ILE A 21 1.88 -2.33 7.87
N LEU A 22 2.83 -2.54 8.79
CA LEU A 22 2.46 -2.74 10.18
C LEU A 22 2.00 -1.44 10.82
N SER A 23 2.67 -0.33 10.47
CA SER A 23 2.28 0.96 11.03
C SER A 23 0.88 1.35 10.57
N LEU A 24 0.54 1.01 9.31
CA LEU A 24 -0.81 1.29 8.82
C LEU A 24 -1.86 0.47 9.56
N SER A 25 -1.56 -0.81 9.83
CA SER A 25 -2.50 -1.65 10.56
C SER A 25 -2.83 -1.07 11.93
N LYS A 26 -1.89 -0.36 12.55
CA LYS A 26 -2.11 0.15 13.90
C LYS A 26 -2.43 1.65 13.94
N TYR A 27 -2.35 2.35 12.81
CA TYR A 27 -2.81 3.73 12.79
C TYR A 27 -4.31 3.81 13.05
N GLU A 28 -4.74 4.96 13.57
CA GLU A 28 -6.16 5.20 13.85
C GLU A 28 -7.02 4.89 12.62
N GLY A 29 -7.99 3.99 12.80
CA GLY A 29 -8.86 3.58 11.71
C GLY A 29 -8.27 2.57 10.75
N GLY A 30 -7.06 2.08 11.01
CA GLY A 30 -6.44 1.14 10.09
C GLY A 30 -7.19 -0.18 9.97
N HIS A 31 -7.89 -0.60 11.03
CA HIS A 31 -8.55 -1.89 11.04
C HIS A 31 -9.55 -2.05 9.89
N ILE A 32 -10.17 -0.96 9.40
CA ILE A 32 -11.16 -1.14 8.35
C ILE A 32 -10.54 -1.52 7.01
N PHE A 33 -9.22 -1.42 6.86
CA PHE A 33 -8.54 -1.84 5.65
C PHE A 33 -7.71 -3.10 5.85
N GLU A 34 -7.71 -3.68 7.06
CA GLU A 34 -6.85 -4.83 7.34
C GLU A 34 -7.19 -6.04 6.48
N LYS A 35 -8.48 -6.31 6.30
CA LYS A 35 -8.95 -7.51 5.61
C LYS A 35 -9.88 -7.10 4.47
N LEU A 36 -10.06 -7.98 3.51
CA LEU A 36 -10.99 -7.69 2.42
C LEU A 36 -12.40 -7.54 2.99
N VAL A 37 -13.18 -6.65 2.39
CA VAL A 37 -14.50 -6.34 2.91
C VAL A 37 -15.41 -7.55 2.74
N ASP A 38 -16.13 -7.91 3.81
CA ASP A 38 -17.18 -8.92 3.72
C ASP A 38 -18.46 -8.19 3.39
N ALA A 39 -18.87 -8.27 2.13
CA ALA A 39 -19.92 -7.39 1.62
C ALA A 39 -21.24 -7.57 2.38
N LYS A 40 -21.60 -8.81 2.71
CA LYS A 40 -22.89 -9.04 3.36
C LYS A 40 -22.86 -8.58 4.81
N LYS A 41 -21.75 -8.83 5.51
CA LYS A 41 -21.67 -8.51 6.94
C LYS A 41 -21.54 -7.00 7.20
N GLN A 42 -20.88 -6.27 6.29
CA GLN A 42 -20.76 -4.83 6.42
C GLN A 42 -21.89 -4.07 5.71
N ASN A 43 -22.93 -4.77 5.27
CA ASN A 43 -24.13 -4.17 4.68
C ASN A 43 -23.80 -3.35 3.42
N CYS A 44 -22.82 -3.83 2.65
CA CYS A 44 -22.46 -3.21 1.37
C CYS A 44 -22.44 -4.29 0.30
N PRO A 45 -23.62 -4.76 -0.13
CA PRO A 45 -23.68 -5.92 -1.04
C PRO A 45 -23.15 -5.65 -2.43
N ASP A 46 -23.10 -4.40 -2.88
CA ASP A 46 -22.62 -4.06 -4.21
C ASP A 46 -21.11 -3.84 -4.26
N TYR A 47 -20.38 -4.11 -3.18
CA TYR A 47 -18.99 -3.67 -3.09
C TYR A 47 -18.15 -4.19 -4.25
N TYR A 48 -18.28 -5.47 -4.59
CA TYR A 48 -17.44 -6.08 -5.61
C TYR A 48 -18.00 -5.92 -7.01
N ASP A 49 -19.20 -5.35 -7.13
CA ASP A 49 -19.68 -4.86 -8.42
C ASP A 49 -19.02 -3.53 -8.79
N VAL A 50 -18.57 -2.77 -7.79
CA VAL A 50 -17.88 -1.52 -7.99
C VAL A 50 -16.36 -1.70 -7.98
N ILE A 51 -15.86 -2.44 -6.99
CA ILE A 51 -14.44 -2.63 -6.75
C ILE A 51 -14.03 -3.94 -7.43
N LYS A 52 -13.38 -3.83 -8.58
CA LYS A 52 -12.96 -5.00 -9.34
C LYS A 52 -11.49 -5.38 -9.11
N ASN A 53 -10.76 -4.63 -8.29
CA ASN A 53 -9.36 -4.93 -7.95
C ASN A 53 -9.20 -4.71 -6.45
N PRO A 54 -9.80 -5.58 -5.63
CA PRO A 54 -9.77 -5.34 -4.18
C PRO A 54 -8.38 -5.56 -3.60
N MET A 55 -8.14 -4.91 -2.47
CA MET A 55 -6.83 -4.95 -1.83
C MET A 55 -7.02 -4.61 -0.35
N SER A 56 -6.19 -5.22 0.49
CA SER A 56 -6.22 -4.99 1.93
C SER A 56 -4.80 -5.10 2.49
N PHE A 57 -4.63 -4.65 3.74
CA PHE A 57 -3.32 -4.77 4.37
C PHE A 57 -2.87 -6.22 4.42
N SER A 58 -3.81 -7.14 4.67
CA SER A 58 -3.41 -8.54 4.79
C SER A 58 -2.95 -9.11 3.44
N CYS A 59 -3.56 -8.67 2.33
CA CYS A 59 -3.09 -9.09 1.01
C CYS A 59 -1.66 -8.66 0.77
N ILE A 60 -1.34 -7.42 1.14
CA ILE A 60 0.00 -6.88 0.95
C ILE A 60 0.99 -7.60 1.85
N LYS A 61 0.60 -7.90 3.08
CA LYS A 61 1.48 -8.65 3.97
C LYS A 61 1.79 -10.02 3.40
N THR A 62 0.82 -10.63 2.74
CA THR A 62 1.05 -11.96 2.17
C THR A 62 2.00 -11.88 0.97
N LYS A 63 1.85 -10.86 0.12
CA LYS A 63 2.80 -10.69 -0.99
C LYS A 63 4.20 -10.39 -0.48
N LEU A 64 4.32 -9.60 0.59
CA LEU A 64 5.63 -9.37 1.19
C LEU A 64 6.21 -10.67 1.73
N LYS A 65 5.39 -11.45 2.45
CA LYS A 65 5.87 -12.73 2.99
C LYS A 65 6.31 -13.68 1.89
N LYS A 66 5.66 -13.65 0.72
CA LYS A 66 5.97 -14.54 -0.38
C LYS A 66 7.00 -13.97 -1.34
N GLY A 67 7.53 -12.80 -1.06
CA GLY A 67 8.51 -12.24 -1.98
C GLY A 67 7.94 -11.90 -3.34
N GLN A 68 6.69 -11.41 -3.39
CA GLN A 68 6.02 -11.20 -4.66
C GLN A 68 6.12 -9.78 -5.17
N TYR A 69 6.87 -8.90 -4.49
CA TYR A 69 7.17 -7.56 -4.99
C TYR A 69 8.57 -7.55 -5.56
N ALA A 70 8.69 -7.15 -6.83
CA ALA A 70 9.99 -7.10 -7.49
C ALA A 70 10.65 -5.74 -7.37
N TYR A 71 9.86 -4.68 -7.31
CA TYR A 71 10.33 -3.31 -7.25
C TYR A 71 9.67 -2.56 -6.10
N PRO A 72 10.38 -1.57 -5.55
CA PRO A 72 9.78 -0.77 -4.46
C PRO A 72 8.46 -0.10 -4.83
N SER A 73 8.27 0.31 -6.09
CA SER A 73 7.04 0.99 -6.51
C SER A 73 5.82 0.07 -6.48
N GLU A 74 6.05 -1.24 -6.63
CA GLU A 74 4.92 -2.17 -6.68
C GLU A 74 4.23 -2.25 -5.34
N PHE A 75 4.99 -2.13 -4.25
CA PHE A 75 4.39 -2.10 -2.93
C PHE A 75 3.53 -0.85 -2.74
N VAL A 76 4.09 0.31 -3.14
CA VAL A 76 3.34 1.56 -3.01
C VAL A 76 2.07 1.53 -3.86
N LYS A 77 2.18 0.99 -5.10
CA LYS A 77 1.01 0.89 -5.96
C LYS A 77 -0.09 0.07 -5.31
N ASP A 78 0.26 -1.01 -4.61
CA ASP A 78 -0.79 -1.79 -3.95
C ASP A 78 -1.40 -1.03 -2.77
N VAL A 79 -0.58 -0.34 -1.98
CA VAL A 79 -1.15 0.45 -0.87
C VAL A 79 -2.03 1.57 -1.42
N GLN A 80 -1.55 2.26 -2.46
CA GLN A 80 -2.35 3.32 -3.03
C GLN A 80 -3.67 2.80 -3.56
N LEU A 81 -3.68 1.57 -4.06
CA LEU A 81 -4.89 0.95 -4.57
C LEU A 81 -5.95 0.82 -3.47
N ILE A 82 -5.53 0.49 -2.25
CA ILE A 82 -6.48 0.49 -1.14
C ILE A 82 -7.15 1.85 -1.00
N PHE A 83 -6.36 2.92 -1.07
CA PHE A 83 -6.95 4.23 -0.84
C PHE A 83 -7.81 4.68 -2.01
N ASP A 84 -7.47 4.27 -3.23
CA ASP A 84 -8.30 4.59 -4.37
C ASP A 84 -9.63 3.84 -4.33
N ASN A 85 -9.62 2.56 -3.92
CA ASN A 85 -10.87 1.84 -3.79
C ASN A 85 -11.74 2.48 -2.73
N CYS A 86 -11.12 2.90 -1.62
CA CYS A 86 -11.85 3.56 -0.55
C CYS A 86 -12.53 4.83 -1.06
N SER A 87 -11.81 5.69 -1.78
CA SER A 87 -12.39 6.96 -2.21
C SER A 87 -13.39 6.77 -3.36
N LEU A 88 -13.19 5.74 -4.20
CA LEU A 88 -14.18 5.42 -5.21
C LEU A 88 -15.52 5.01 -4.60
N TYR A 89 -15.49 4.06 -3.66
CA TYR A 89 -16.73 3.45 -3.20
C TYR A 89 -17.47 4.34 -2.21
N ASN A 90 -16.77 5.06 -1.34
CA ASN A 90 -17.37 5.83 -0.25
C ASN A 90 -17.48 7.30 -0.63
N THR A 91 -18.62 7.92 -0.29
CA THR A 91 -18.80 9.34 -0.57
C THR A 91 -17.80 10.17 0.24
N SER A 92 -17.47 11.35 -0.31
CA SER A 92 -16.39 12.14 0.26
C SER A 92 -16.65 12.56 1.69
N ASN A 93 -17.93 12.67 2.10
CA ASN A 93 -18.23 13.12 3.45
C ASN A 93 -18.51 11.96 4.42
N SER A 94 -18.27 10.72 4.02
CA SER A 94 -18.49 9.56 4.88
C SER A 94 -17.32 9.33 5.82
N VAL A 95 -17.61 8.74 6.99
CA VAL A 95 -16.56 8.40 7.95
C VAL A 95 -15.45 7.59 7.28
N VAL A 96 -15.84 6.56 6.50
CA VAL A 96 -14.84 5.69 5.89
C VAL A 96 -13.97 6.47 4.93
N ALA A 97 -14.56 7.34 4.10
CA ALA A 97 -13.73 8.08 3.18
C ALA A 97 -12.79 9.01 3.93
N ILE A 98 -13.28 9.68 4.97
CA ILE A 98 -12.42 10.56 5.75
C ILE A 98 -11.26 9.77 6.35
N THR A 99 -11.58 8.63 6.97
CA THR A 99 -10.55 7.78 7.56
C THR A 99 -9.52 7.36 6.51
N GLY A 100 -9.98 6.96 5.32
CA GLY A 100 -9.06 6.56 4.27
C GLY A 100 -8.14 7.69 3.86
N LYS A 101 -8.68 8.90 3.77
CA LYS A 101 -7.87 10.06 3.43
C LYS A 101 -6.80 10.31 4.50
N ASN A 102 -7.18 10.18 5.78
CA ASN A 102 -6.23 10.41 6.86
C ASN A 102 -5.09 9.39 6.83
N ILE A 103 -5.40 8.12 6.55
N ILE A 103 -5.42 8.12 6.59
CA ILE A 103 -4.33 7.12 6.56
CA ILE A 103 -4.38 7.10 6.53
C ILE A 103 -3.54 7.17 5.25
C ILE A 103 -3.52 7.27 5.29
N GLU A 104 -4.12 7.68 4.18
CA GLU A 104 -3.36 7.94 2.95
C GLU A 104 -2.29 9.00 3.21
N THR A 105 -2.69 10.11 3.83
CA THR A 105 -1.73 11.16 4.20
C THR A 105 -0.59 10.62 5.04
N TYR A 106 -0.91 9.85 6.08
CA TYR A 106 0.09 9.23 6.93
C TYR A 106 1.06 8.38 6.12
N PHE A 107 0.54 7.47 5.29
CA PHE A 107 1.36 6.61 4.46
C PHE A 107 2.32 7.44 3.62
N ASN A 108 1.80 8.43 2.90
CA ASN A 108 2.67 9.23 2.04
C ASN A 108 3.72 9.99 2.82
N ASN A 109 3.42 10.40 4.07
CA ASN A 109 4.41 11.09 4.88
C ASN A 109 5.42 10.13 5.48
N GLN A 110 5.01 8.88 5.72
CA GLN A 110 5.97 7.85 6.10
C GLN A 110 6.94 7.55 4.98
N LEU A 111 6.47 7.52 3.73
CA LEU A 111 7.38 7.27 2.62
C LEU A 111 8.52 8.28 2.65
N ILE A 112 8.21 9.52 3.04
CA ILE A 112 9.21 10.58 3.12
C ILE A 112 10.15 10.39 4.30
N VAL A 113 9.61 10.26 5.51
CA VAL A 113 10.42 10.11 6.71
C VAL A 113 11.31 8.88 6.62
N MET A 114 10.74 7.74 6.19
CA MET A 114 11.51 6.49 6.14
C MET A 114 12.51 6.47 4.99
N GLY A 115 12.45 7.44 4.08
CA GLY A 115 13.35 7.39 2.94
C GLY A 115 12.98 6.35 1.92
N TYR A 116 11.73 5.86 1.93
CA TYR A 116 11.33 4.83 0.97
C TYR A 116 11.35 5.36 -0.46
N ASN A 117 11.04 6.64 -0.62
CA ASN A 117 10.99 7.22 -1.97
C ASN A 117 12.36 7.18 -2.64
N ASN A 118 13.45 7.29 -1.86
CA ASN A 118 14.79 7.18 -2.45
C ASN A 118 14.99 5.83 -3.13
N PHE A 119 14.33 4.77 -2.64
CA PHE A 119 14.46 3.47 -3.28
C PHE A 119 13.70 3.42 -4.60
N ILE A 120 12.56 4.11 -4.68
CA ILE A 120 11.81 4.18 -5.93
C ILE A 120 12.62 4.96 -6.98
N LEU A 121 13.32 6.00 -6.56
CA LEU A 121 14.16 6.75 -7.50
C LEU A 121 15.31 5.90 -8.00
N LYS A 122 15.97 5.16 -7.10
CA LYS A 122 17.04 4.26 -7.52
C LYS A 122 16.53 3.18 -8.45
N GLU A 123 15.29 2.71 -8.22
CA GLU A 123 14.70 1.70 -9.09
C GLU A 123 14.59 2.21 -10.51
N LYS A 124 14.20 3.49 -10.69
CA LYS A 124 14.05 4.04 -12.03
C LYS A 124 15.39 4.22 -12.71
N LYS A 125 16.39 4.71 -11.98
CA LYS A 125 17.71 4.92 -12.58
C LYS A 125 18.34 3.61 -13.01
N ILE A 126 18.22 2.56 -12.18
CA ILE A 126 18.74 1.25 -12.59
C ILE A 126 18.07 0.81 -13.89
N ASN A 127 16.75 0.99 -13.99
CA ASN A 127 16.05 0.60 -15.22
C ASN A 127 16.57 1.35 -16.44
N ASP A 128 17.15 2.54 -16.23
CA ASP A 128 17.72 3.30 -17.35
C ASP A 128 19.13 2.82 -17.68
N MET A 129 19.95 2.55 -16.67
CA MET A 129 21.23 1.88 -16.93
C MET A 129 21.04 0.66 -17.80
N LEU A 130 20.15 -0.25 -17.36
CA LEU A 130 19.94 -1.48 -18.09
C LEU A 130 19.53 -1.21 -19.53
N LYS A 131 18.69 -0.19 -19.76
CA LYS A 131 18.20 0.09 -21.10
C LYS A 131 19.29 0.61 -22.02
N LEU A 132 20.27 1.32 -21.47
CA LEU A 132 21.46 1.71 -22.23
C LEU A 132 22.33 0.49 -22.51
N VAL A 133 22.94 -0.05 -21.46
CA VAL A 133 23.82 -1.23 -21.52
C VAL A 133 23.32 -2.33 -22.46
#